data_3LCP
#
_entry.id   3LCP
#
_cell.length_a   58.602
_cell.length_b   58.602
_cell.length_c   396.870
_cell.angle_alpha   90.00
_cell.angle_beta   90.00
_cell.angle_gamma   120.00
#
_symmetry.space_group_name_H-M   'P 61'
#
loop_
_entity.id
_entity.type
_entity.pdbx_description
1 polymer 'Protein ERGIC-53'
2 polymer 'Multiple coagulation factor deficiency protein 2'
3 non-polymer 'CALCIUM ION'
4 water water
#
loop_
_entity_poly.entity_id
_entity_poly.type
_entity_poly.pdbx_seq_one_letter_code
_entity_poly.pdbx_strand_id
1 'polypeptide(L)'
;MGVGGDPAVALPHRRFEYKYSFKGPHLVQSDGTVPFWAHAGNAIPSSDQIRVAPSLKSQRGSVWTKTKAAFENWEVEVTF
RVTGRGRIGADGLAIWYAENQGLEGPVFGSADLWNGVGIFFDSFDNDGKKNNPAIVIIGNNGQIHYDHQNDGASQALASC
QRDFRNKPYPVRAKITYYQNTLTVMINNGFTPDKNDYEFCAKVENMIIPAQGHFGISAATGGLADDHDVLSFLTFQLTEP
GKEPPTP
;
A,B
2 'polypeptide(L)'
;GSHMGVINKPEAEMSPQELQLHYFKMHDYDGNNLLDGLELSTAITHVHKEEGSEQAPLMSEDELINIIDGVLRDDDKNND
GYIDYAEFAKSLQ
;
C,D
#
# COMPACT_ATOMS: atom_id res chain seq x y z
N LEU A 11 -26.31 31.80 -12.22
CA LEU A 11 -25.12 31.46 -11.36
C LEU A 11 -25.51 30.57 -10.15
N PRO A 12 -25.07 29.29 -10.15
CA PRO A 12 -25.41 28.37 -9.04
C PRO A 12 -24.59 28.62 -7.77
N HIS A 13 -25.26 28.59 -6.63
CA HIS A 13 -24.57 28.67 -5.35
C HIS A 13 -23.70 27.43 -5.08
N ARG A 14 -22.47 27.65 -4.64
CA ARG A 14 -21.49 26.59 -4.39
C ARG A 14 -21.31 26.42 -2.90
N ARG A 15 -21.62 25.24 -2.39
CA ARG A 15 -21.32 24.98 -1.02
C ARG A 15 -20.33 23.82 -0.86
N PHE A 16 -19.20 24.07 -0.20
CA PHE A 16 -18.25 22.98 0.08
C PHE A 16 -18.78 21.98 1.10
N GLU A 17 -18.57 20.70 0.81
CA GLU A 17 -19.01 19.64 1.70
C GLU A 17 -17.78 18.89 2.24
N TYR A 18 -17.44 19.13 3.49
CA TYR A 18 -16.23 18.53 4.04
C TYR A 18 -16.43 17.01 4.24
N LYS A 19 -17.67 16.60 4.53
CA LYS A 19 -17.94 15.20 4.88
C LYS A 19 -17.73 14.24 3.72
N TYR A 20 -17.74 14.76 2.49
CA TYR A 20 -17.49 13.97 1.28
C TYR A 20 -16.22 14.38 0.57
N SER A 21 -15.22 14.85 1.33
CA SER A 21 -13.97 15.35 0.77
C SER A 21 -12.73 14.85 1.53
N PHE A 22 -11.57 15.02 0.89
CA PHE A 22 -10.32 14.75 1.53
C PHE A 22 -9.21 15.44 0.78
N LYS A 23 -8.11 15.75 1.49
CA LYS A 23 -6.95 16.46 0.90
C LYS A 23 -5.73 16.53 1.81
N GLY A 24 -4.61 16.97 1.24
CA GLY A 24 -3.38 17.28 2.00
C GLY A 24 -3.50 18.55 2.84
N PRO A 25 -2.54 18.83 3.70
CA PRO A 25 -1.36 18.04 3.91
C PRO A 25 -1.44 17.19 5.16
N HIS A 26 -2.63 17.03 5.75
CA HIS A 26 -2.89 16.15 6.88
C HIS A 26 -4.03 15.20 6.50
N LEU A 27 -3.92 14.63 5.32
CA LEU A 27 -4.97 13.78 4.76
C LEU A 27 -5.38 12.63 5.66
N VAL A 28 -4.42 11.97 6.27
CA VAL A 28 -4.70 10.79 7.08
C VAL A 28 -4.68 11.12 8.58
N GLN A 29 -5.43 10.35 9.35
CA GLN A 29 -5.43 10.51 10.79
C GLN A 29 -4.37 9.64 11.44
N SER A 30 -4.01 10.02 12.65
CA SER A 30 -2.95 9.37 13.39
C SER A 30 -3.05 7.85 13.37
N ASP A 31 -4.26 7.31 13.16
CA ASP A 31 -4.52 5.84 13.14
C ASP A 31 -4.59 5.21 11.71
N GLY A 32 -4.26 5.99 10.69
CA GLY A 32 -4.28 5.50 9.32
C GLY A 32 -5.56 5.64 8.49
N THR A 33 -6.66 6.09 9.10
CA THR A 33 -7.89 6.37 8.36
C THR A 33 -7.88 7.75 7.66
N VAL A 34 -8.53 7.83 6.49
CA VAL A 34 -9.00 9.09 5.90
C VAL A 34 -10.37 9.37 6.53
N PRO A 35 -10.49 10.45 7.34
CA PRO A 35 -11.80 10.74 7.93
C PRO A 35 -12.95 10.73 6.93
N PHE A 36 -14.07 10.10 7.31
CA PHE A 36 -15.30 10.05 6.49
C PHE A 36 -15.18 9.21 5.22
N TRP A 37 -14.01 8.59 5.01
CA TRP A 37 -13.82 7.73 3.86
C TRP A 37 -13.35 6.33 4.23
N ALA A 38 -13.84 5.34 3.48
CA ALA A 38 -13.33 3.97 3.64
C ALA A 38 -12.39 3.59 2.51
N HIS A 39 -11.21 3.12 2.86
CA HIS A 39 -10.28 2.59 1.88
C HIS A 39 -10.23 1.06 1.93
N ALA A 40 -9.85 0.47 0.81
CA ALA A 40 -9.95 -0.97 0.67
C ALA A 40 -9.03 -1.49 -0.38
N GLY A 41 -8.87 -2.82 -0.38
CA GLY A 41 -7.96 -3.46 -1.29
C GLY A 41 -6.60 -3.07 -0.82
N ASN A 42 -5.78 -2.60 -1.74
CA ASN A 42 -4.44 -2.14 -1.42
C ASN A 42 -4.39 -0.61 -1.55
N ALA A 43 -5.35 0.07 -0.93
CA ALA A 43 -5.36 1.53 -1.04
C ALA A 43 -4.49 2.11 0.05
N ILE A 44 -3.52 2.95 -0.31
CA ILE A 44 -2.65 3.49 0.76
C ILE A 44 -2.78 5.01 1.03
N PRO A 45 -3.47 5.38 2.13
CA PRO A 45 -3.55 6.80 2.47
C PRO A 45 -2.31 7.24 3.26
N SER A 46 -1.71 8.34 2.81
CA SER A 46 -0.70 9.03 3.57
C SER A 46 -1.20 10.48 3.78
N SER A 47 -0.28 11.40 4.12
CA SER A 47 -0.72 12.72 4.56
C SER A 47 -0.86 13.71 3.42
N ASP A 48 -0.23 13.42 2.27
CA ASP A 48 -0.33 14.30 1.11
C ASP A 48 -1.06 13.72 -0.11
N GLN A 49 -1.22 12.38 -0.15
CA GLN A 49 -1.93 11.70 -1.23
C GLN A 49 -2.45 10.32 -0.82
N ILE A 50 -3.32 9.74 -1.64
CA ILE A 50 -3.66 8.32 -1.49
C ILE A 50 -3.19 7.58 -2.75
N ARG A 51 -2.24 6.68 -2.60
CA ARG A 51 -1.79 5.84 -3.76
C ARG A 51 -2.86 4.77 -3.91
N VAL A 52 -3.75 4.95 -4.88
CA VAL A 52 -4.94 4.09 -4.92
C VAL A 52 -4.50 2.70 -5.41
N ALA A 53 -3.71 2.64 -6.47
CA ALA A 53 -3.16 1.37 -6.95
C ALA A 53 -1.73 1.60 -7.34
N PRO A 54 -0.78 0.90 -6.68
CA PRO A 54 0.66 1.03 -6.92
C PRO A 54 1.09 0.33 -8.19
N SER A 55 2.32 0.64 -8.63
CA SER A 55 2.91 0.07 -9.83
C SER A 55 3.39 -1.40 -9.61
N LEU A 56 2.70 -2.11 -8.72
CA LEU A 56 2.78 -3.55 -8.56
C LEU A 56 1.67 -4.36 -9.31
N LYS A 57 1.93 -5.66 -9.49
CA LYS A 57 1.13 -6.47 -10.39
C LYS A 57 -0.25 -6.78 -9.85
N SER A 58 -1.25 -6.70 -10.73
CA SER A 58 -2.64 -7.01 -10.38
C SER A 58 -3.12 -6.40 -9.05
N GLN A 59 -3.05 -5.07 -9.00
CA GLN A 59 -3.38 -4.35 -7.79
C GLN A 59 -4.79 -3.77 -7.87
N ARG A 60 -5.44 -3.69 -6.71
CA ARG A 60 -6.79 -3.16 -6.64
C ARG A 60 -6.96 -2.35 -5.38
N GLY A 61 -7.47 -1.13 -5.57
CA GLY A 61 -7.69 -0.25 -4.43
C GLY A 61 -8.87 0.64 -4.64
N SER A 62 -9.57 0.96 -3.58
CA SER A 62 -10.62 1.91 -3.69
C SER A 62 -10.72 2.73 -2.43
N VAL A 63 -11.25 3.95 -2.60
CA VAL A 63 -11.63 4.82 -1.50
C VAL A 63 -13.04 5.32 -1.77
N TRP A 64 -13.98 4.98 -0.89
CA TRP A 64 -15.37 5.48 -1.03
C TRP A 64 -15.82 6.25 0.22
N THR A 65 -16.82 7.13 0.08
CA THR A 65 -17.41 7.84 1.24
C THR A 65 -18.22 6.89 2.14
N LYS A 66 -18.26 7.17 3.44
CA LYS A 66 -18.88 6.23 4.39
C LYS A 66 -20.39 6.33 4.41
N THR A 67 -20.91 7.54 4.12
CA THR A 67 -22.34 7.72 3.94
C THR A 67 -22.72 8.28 2.57
N LYS A 68 -23.99 8.14 2.25
CA LYS A 68 -24.54 8.63 1.01
C LYS A 68 -24.76 10.14 1.04
N ALA A 69 -24.31 10.84 -0.01
CA ALA A 69 -24.66 12.22 -0.29
C ALA A 69 -26.02 12.24 -0.93
N ALA A 70 -26.86 13.19 -0.51
CA ALA A 70 -28.17 13.38 -1.14
C ALA A 70 -28.27 14.80 -1.74
N PHE A 71 -27.52 15.04 -2.79
CA PHE A 71 -27.51 16.34 -3.40
C PHE A 71 -28.15 16.18 -4.76
N GLU A 72 -29.08 17.09 -5.07
CA GLU A 72 -29.72 17.07 -6.37
C GLU A 72 -28.75 17.56 -7.45
N ASN A 73 -27.96 18.56 -7.10
CA ASN A 73 -26.89 19.05 -7.93
C ASN A 73 -25.56 19.03 -7.14
N TRP A 74 -24.47 18.66 -7.81
CA TRP A 74 -23.16 18.62 -7.20
C TRP A 74 -21.98 18.81 -8.18
N GLU A 75 -20.79 19.02 -7.63
CA GLU A 75 -19.61 19.15 -8.41
C GLU A 75 -18.47 18.58 -7.57
N VAL A 76 -17.64 17.77 -8.19
CA VAL A 76 -16.49 17.22 -7.51
C VAL A 76 -15.25 17.56 -8.29
N GLU A 77 -14.20 18.03 -7.59
CA GLU A 77 -12.92 18.28 -8.25
C GLU A 77 -11.91 17.31 -7.68
N VAL A 78 -11.32 16.49 -8.57
CA VAL A 78 -10.40 15.39 -8.18
C VAL A 78 -9.03 15.67 -8.77
N THR A 79 -8.01 15.64 -7.94
CA THR A 79 -6.64 15.99 -8.38
C THR A 79 -5.76 14.74 -8.35
N PHE A 80 -5.08 14.47 -9.44
CA PHE A 80 -4.39 13.18 -9.48
C PHE A 80 -3.20 13.10 -10.34
N ARG A 81 -2.40 12.08 -10.04
CA ARG A 81 -1.26 11.73 -10.86
C ARG A 81 -1.40 10.29 -11.29
N VAL A 82 -1.25 10.05 -12.58
CA VAL A 82 -0.99 8.65 -13.01
C VAL A 82 0.41 8.58 -13.60
N THR A 83 1.28 7.83 -12.95
CA THR A 83 2.71 7.81 -13.32
C THR A 83 3.19 6.41 -13.68
N GLY A 84 3.88 6.28 -14.81
CA GLY A 84 4.45 5.00 -15.21
C GLY A 84 5.69 5.13 -16.05
N ARG A 85 6.66 4.25 -15.76
CA ARG A 85 8.01 4.27 -16.39
C ARG A 85 8.00 4.17 -17.92
N GLY A 86 6.87 3.77 -18.49
CA GLY A 86 6.75 3.57 -19.92
C GLY A 86 5.81 4.54 -20.59
N ARG A 87 5.62 4.32 -21.88
CA ARG A 87 4.80 5.17 -22.74
C ARG A 87 3.42 4.53 -22.88
N ILE A 88 3.32 3.31 -22.37
CA ILE A 88 2.03 2.64 -22.23
C ILE A 88 1.91 2.21 -20.77
N GLY A 89 0.81 2.59 -20.11
CA GLY A 89 0.53 2.09 -18.75
C GLY A 89 -0.84 1.43 -18.60
N ALA A 90 -1.15 0.97 -17.40
CA ALA A 90 -2.34 0.18 -17.12
C ALA A 90 -2.65 0.19 -15.65
N ASP A 91 -3.93 0.12 -15.27
CA ASP A 91 -5.10 0.02 -16.16
C ASP A 91 -5.83 1.31 -16.23
N GLY A 92 -5.94 1.98 -15.06
CA GLY A 92 -6.46 3.34 -15.00
C GLY A 92 -7.18 3.64 -13.72
N LEU A 93 -7.89 4.76 -13.71
CA LEU A 93 -8.53 5.25 -12.51
C LEU A 93 -10.01 5.53 -12.76
N ALA A 94 -10.83 5.23 -11.78
CA ALA A 94 -12.26 5.50 -11.88
C ALA A 94 -12.80 6.45 -10.78
N ILE A 95 -13.62 7.41 -11.20
CA ILE A 95 -14.35 8.27 -10.26
C ILE A 95 -15.82 7.90 -10.34
N TRP A 96 -16.45 7.70 -9.18
CA TRP A 96 -17.81 7.16 -9.06
C TRP A 96 -18.82 8.01 -8.27
N TYR A 97 -20.05 8.01 -8.76
CA TYR A 97 -21.24 8.24 -7.94
C TYR A 97 -22.18 7.04 -8.17
N ALA A 98 -22.41 6.28 -7.10
CA ALA A 98 -23.18 5.05 -7.20
C ALA A 98 -24.01 4.85 -5.94
N GLU A 99 -25.05 4.02 -6.06
CA GLU A 99 -25.98 3.71 -4.98
C GLU A 99 -25.26 3.00 -3.86
N ASN A 100 -24.45 2.02 -4.22
CA ASN A 100 -23.66 1.29 -3.21
C ASN A 100 -22.17 1.53 -3.28
N GLN A 101 -21.52 1.42 -2.13
CA GLN A 101 -20.06 1.39 -2.15
C GLN A 101 -19.66 0.18 -3.00
N GLY A 102 -18.73 0.40 -3.91
CA GLY A 102 -18.16 -0.70 -4.69
C GLY A 102 -16.78 -0.99 -4.16
N LEU A 103 -16.72 -1.50 -2.94
CA LEU A 103 -15.42 -1.62 -2.26
C LEU A 103 -14.34 -2.41 -3.01
N GLU A 104 -14.70 -3.58 -3.55
CA GLU A 104 -13.70 -4.44 -4.22
C GLU A 104 -14.36 -5.00 -5.47
N GLY A 105 -13.58 -5.35 -6.48
CA GLY A 105 -14.11 -5.94 -7.73
C GLY A 105 -13.21 -5.71 -8.93
N PRO A 106 -13.67 -6.07 -10.15
CA PRO A 106 -12.87 -6.09 -11.39
C PRO A 106 -12.98 -4.81 -12.24
N VAL A 107 -13.76 -3.85 -11.77
CA VAL A 107 -13.97 -2.62 -12.54
C VAL A 107 -13.05 -1.47 -12.05
N PHE A 108 -11.88 -1.39 -12.67
CA PHE A 108 -10.86 -0.45 -12.28
C PHE A 108 -10.70 -0.42 -10.78
N GLY A 109 -10.80 -1.59 -10.17
CA GLY A 109 -10.64 -1.77 -8.72
C GLY A 109 -11.86 -1.95 -7.86
N SER A 110 -13.06 -1.85 -8.43
CA SER A 110 -14.29 -1.90 -7.63
C SER A 110 -15.42 -2.75 -8.24
N ALA A 111 -16.53 -2.88 -7.50
CA ALA A 111 -17.69 -3.70 -7.91
C ALA A 111 -18.24 -3.36 -9.30
N ASP A 112 -18.54 -4.43 -10.05
CA ASP A 112 -19.29 -4.35 -11.29
C ASP A 112 -20.79 -4.10 -10.98
N LEU A 113 -21.61 -3.98 -12.02
CA LEU A 113 -23.07 -3.82 -11.88
C LEU A 113 -23.45 -2.73 -10.89
N TRP A 114 -22.80 -1.57 -11.01
CA TRP A 114 -23.07 -0.47 -10.10
C TRP A 114 -24.38 0.19 -10.51
N ASN A 115 -25.07 0.82 -9.57
CA ASN A 115 -26.20 1.65 -9.94
C ASN A 115 -25.83 3.14 -9.91
N GLY A 116 -25.48 3.68 -11.08
CA GLY A 116 -25.12 5.10 -11.19
C GLY A 116 -24.12 5.39 -12.30
N VAL A 117 -23.15 6.27 -12.02
CA VAL A 117 -22.20 6.66 -13.05
C VAL A 117 -20.75 6.45 -12.59
N GLY A 118 -19.91 6.02 -13.52
CA GLY A 118 -18.48 5.88 -13.25
C GLY A 118 -17.87 6.61 -14.40
N ILE A 119 -16.80 7.36 -14.13
CA ILE A 119 -16.06 8.09 -15.12
C ILE A 119 -14.68 7.46 -15.12
N PHE A 120 -14.35 6.82 -16.23
CA PHE A 120 -13.16 6.02 -16.31
C PHE A 120 -12.09 6.74 -17.06
N PHE A 121 -10.93 6.80 -16.42
CA PHE A 121 -9.77 7.36 -16.99
C PHE A 121 -8.94 6.15 -17.45
N ASP A 122 -9.11 5.79 -18.73
CA ASP A 122 -8.66 4.49 -19.23
C ASP A 122 -7.33 4.66 -19.97
N SER A 123 -6.29 4.19 -19.34
CA SER A 123 -4.96 4.33 -19.95
C SER A 123 -4.60 3.10 -20.80
N PHE A 124 -5.33 1.99 -20.65
CA PHE A 124 -4.96 0.76 -21.41
C PHE A 124 -5.89 0.33 -22.56
N ASP A 125 -5.30 0.18 -23.75
CA ASP A 125 -6.03 0.00 -24.99
C ASP A 125 -6.36 -1.49 -25.16
N ASN A 126 -7.46 -1.91 -24.58
CA ASN A 126 -7.71 -3.33 -24.51
C ASN A 126 -8.21 -3.88 -25.83
N ASP A 127 -8.93 -3.06 -26.59
CA ASP A 127 -9.45 -3.45 -27.92
C ASP A 127 -8.55 -3.03 -29.11
N GLY A 128 -7.33 -2.54 -28.81
CA GLY A 128 -6.36 -2.18 -29.85
C GLY A 128 -6.83 -1.18 -30.88
N LYS A 129 -7.77 -0.32 -30.47
CA LYS A 129 -8.33 0.70 -31.38
C LYS A 129 -7.49 1.97 -31.46
N LYS A 130 -6.33 1.97 -30.79
CA LYS A 130 -5.39 3.12 -30.81
C LYS A 130 -6.01 4.42 -30.23
N ASN A 131 -6.87 4.27 -29.22
CA ASN A 131 -7.68 5.39 -28.72
C ASN A 131 -7.62 5.51 -27.19
N ASN A 132 -6.39 5.57 -26.69
CA ASN A 132 -6.06 5.63 -25.28
C ASN A 132 -4.74 6.41 -25.12
N PRO A 133 -4.50 7.02 -23.93
CA PRO A 133 -5.42 7.13 -22.79
C PRO A 133 -6.72 7.84 -23.16
N ALA A 134 -7.81 7.38 -22.56
CA ALA A 134 -9.13 7.95 -22.85
C ALA A 134 -9.90 8.13 -21.58
N ILE A 135 -10.88 9.03 -21.61
CA ILE A 135 -11.82 9.18 -20.50
C ILE A 135 -13.25 8.92 -20.99
N VAL A 136 -13.92 7.98 -20.34
CA VAL A 136 -15.22 7.53 -20.76
C VAL A 136 -16.25 7.58 -19.60
N ILE A 137 -17.44 8.09 -19.89
CA ILE A 137 -18.56 8.15 -18.93
C ILE A 137 -19.52 6.99 -19.14
N ILE A 138 -19.70 6.19 -18.10
CA ILE A 138 -20.48 4.97 -18.22
C ILE A 138 -21.55 4.92 -17.16
N GLY A 139 -22.82 5.06 -17.59
CA GLY A 139 -23.94 4.93 -16.70
C GLY A 139 -24.30 3.47 -16.59
N ASN A 140 -24.83 3.12 -15.44
CA ASN A 140 -25.24 1.77 -15.18
C ASN A 140 -26.45 1.80 -14.25
N ASN A 141 -27.31 0.78 -14.38
CA ASN A 141 -28.54 0.61 -13.59
C ASN A 141 -28.56 -0.61 -12.67
N GLY A 142 -27.41 -1.22 -12.42
CA GLY A 142 -27.32 -2.42 -11.58
C GLY A 142 -27.37 -3.71 -12.36
N GLN A 143 -27.36 -3.61 -13.69
CA GLN A 143 -27.65 -4.76 -14.52
C GLN A 143 -26.65 -5.07 -15.61
N ILE A 144 -25.89 -4.05 -16.02
CA ILE A 144 -24.88 -4.20 -17.08
C ILE A 144 -23.50 -4.51 -16.54
N HIS A 145 -22.84 -5.51 -17.12
CA HIS A 145 -21.46 -5.82 -16.79
C HIS A 145 -20.55 -4.88 -17.57
N TYR A 146 -19.58 -4.28 -16.90
CA TYR A 146 -18.56 -3.49 -17.60
C TYR A 146 -17.84 -4.33 -18.66
N ASP A 147 -17.83 -3.85 -19.88
CA ASP A 147 -17.06 -4.53 -20.91
C ASP A 147 -15.64 -3.97 -20.99
N HIS A 148 -14.69 -4.56 -20.26
CA HIS A 148 -13.32 -3.98 -20.23
C HIS A 148 -12.47 -4.32 -21.42
N GLN A 149 -12.87 -5.34 -22.19
CA GLN A 149 -12.10 -5.76 -23.36
C GLN A 149 -12.33 -4.83 -24.53
N ASN A 150 -13.41 -4.07 -24.48
CA ASN A 150 -13.60 -3.00 -25.45
C ASN A 150 -13.52 -1.61 -24.84
N ASP A 151 -12.86 -1.51 -23.68
CA ASP A 151 -12.69 -0.21 -22.99
C ASP A 151 -14.02 0.52 -22.85
N GLY A 152 -15.08 -0.25 -22.67
CA GLY A 152 -16.44 0.26 -22.47
C GLY A 152 -17.06 0.93 -23.65
N ALA A 153 -16.41 0.84 -24.81
CA ALA A 153 -16.92 1.46 -26.03
C ALA A 153 -18.35 1.08 -26.43
N SER A 154 -18.84 -0.06 -25.96
CA SER A 154 -20.20 -0.47 -26.34
C SER A 154 -21.22 0.21 -25.42
N GLN A 155 -20.73 0.89 -24.38
CA GLN A 155 -21.55 1.31 -23.24
C GLN A 155 -21.41 2.78 -22.95
N ALA A 156 -20.43 3.42 -23.58
CA ALA A 156 -20.06 4.78 -23.26
C ALA A 156 -21.14 5.77 -23.68
N LEU A 157 -21.53 6.62 -22.73
CA LEU A 157 -22.50 7.67 -22.96
C LEU A 157 -21.85 8.86 -23.65
N ALA A 158 -20.57 9.08 -23.33
CA ALA A 158 -19.70 10.15 -23.91
C ALA A 158 -18.24 9.91 -23.62
N SER A 159 -17.35 10.44 -24.45
CA SER A 159 -15.92 10.18 -24.26
C SER A 159 -15.01 11.26 -24.81
N CYS A 160 -13.76 11.23 -24.38
CA CYS A 160 -12.72 12.02 -25.01
C CYS A 160 -11.35 11.35 -24.90
N GLN A 161 -10.41 11.92 -25.65
CA GLN A 161 -9.04 11.48 -25.66
C GLN A 161 -8.20 12.47 -24.87
N ARG A 162 -7.73 12.10 -23.68
CA ARG A 162 -6.75 12.92 -22.96
C ARG A 162 -5.66 12.07 -22.46
N ASP A 163 -4.43 12.46 -22.77
CA ASP A 163 -3.31 11.78 -22.20
C ASP A 163 -3.10 12.33 -20.76
N PHE A 164 -3.63 11.61 -19.77
CA PHE A 164 -3.58 12.05 -18.41
C PHE A 164 -2.43 11.43 -17.66
N ARG A 165 -1.45 10.88 -18.37
CA ARG A 165 -0.36 10.15 -17.70
C ARG A 165 0.94 10.92 -17.66
N ASN A 166 1.70 10.77 -16.58
CA ASN A 166 3.06 11.35 -16.53
C ASN A 166 3.07 12.84 -16.86
N LYS A 167 2.15 13.61 -16.28
CA LYS A 167 2.11 15.02 -16.58
C LYS A 167 2.93 15.84 -15.54
N PRO A 168 3.54 16.97 -15.99
CA PRO A 168 4.39 17.82 -15.14
C PRO A 168 3.68 18.26 -13.86
N TYR A 169 2.39 18.55 -13.95
CA TYR A 169 1.63 18.90 -12.76
C TYR A 169 0.47 17.91 -12.57
N PRO A 170 -0.10 17.87 -11.36
CA PRO A 170 -1.30 17.04 -11.17
C PRO A 170 -2.41 17.34 -12.14
N VAL A 171 -2.97 16.31 -12.74
CA VAL A 171 -4.16 16.42 -13.57
C VAL A 171 -5.35 16.61 -12.67
N ARG A 172 -6.34 17.36 -13.14
CA ARG A 172 -7.56 17.58 -12.38
C ARG A 172 -8.79 17.18 -13.21
N ALA A 173 -9.81 16.65 -12.55
CA ALA A 173 -11.11 16.39 -13.15
C ALA A 173 -12.20 17.17 -12.43
N LYS A 174 -12.99 17.93 -13.19
CA LYS A 174 -14.15 18.60 -12.65
C LYS A 174 -15.41 17.93 -13.17
N ILE A 175 -16.14 17.27 -12.29
CA ILE A 175 -17.30 16.52 -12.71
C ILE A 175 -18.53 17.19 -12.09
N THR A 176 -19.42 17.68 -12.96
CA THR A 176 -20.57 18.47 -12.52
C THR A 176 -21.85 17.78 -12.88
N TYR A 177 -22.72 17.61 -11.90
CA TYR A 177 -24.06 17.14 -12.18
C TYR A 177 -25.05 18.24 -11.87
N TYR A 178 -25.58 18.86 -12.91
CA TYR A 178 -26.41 20.05 -12.73
C TYR A 178 -27.58 20.06 -13.69
N GLN A 179 -28.79 20.19 -13.14
CA GLN A 179 -30.02 20.21 -13.97
C GLN A 179 -30.06 19.01 -14.90
N ASN A 180 -29.68 17.86 -14.37
CA ASN A 180 -29.70 16.57 -15.09
C ASN A 180 -28.52 16.34 -16.07
N THR A 181 -27.60 17.31 -16.15
CA THR A 181 -26.51 17.26 -17.11
C THR A 181 -25.22 16.92 -16.38
N LEU A 182 -24.51 15.93 -16.87
CA LEU A 182 -23.25 15.54 -16.26
C LEU A 182 -22.16 16.00 -17.21
N THR A 183 -21.29 16.86 -16.71
CA THR A 183 -20.20 17.46 -17.47
C THR A 183 -18.85 17.09 -16.85
N VAL A 184 -17.91 16.68 -17.70
CA VAL A 184 -16.51 16.43 -17.27
C VAL A 184 -15.56 17.45 -17.92
N MET A 185 -14.78 18.14 -17.09
CA MET A 185 -13.79 19.10 -17.57
C MET A 185 -12.45 18.57 -17.10
N ILE A 186 -11.43 18.73 -17.92
CA ILE A 186 -10.14 18.19 -17.54
C ILE A 186 -9.09 19.28 -17.60
N ASN A 187 -8.29 19.35 -16.55
CA ASN A 187 -7.10 20.21 -16.50
C ASN A 187 -5.95 19.25 -16.75
N ASN A 188 -5.33 19.41 -17.92
CA ASN A 188 -4.46 18.38 -18.47
C ASN A 188 -3.05 18.39 -17.91
N GLY A 189 -2.83 19.10 -16.80
CA GLY A 189 -1.59 19.01 -16.02
C GLY A 189 -0.31 19.60 -16.61
N PHE A 190 -0.47 20.51 -17.55
CA PHE A 190 0.64 21.19 -18.18
C PHE A 190 1.09 22.51 -17.51
N THR A 191 0.20 23.13 -16.74
CA THR A 191 0.50 24.38 -16.06
C THR A 191 0.17 24.27 -14.55
N PRO A 192 0.78 25.14 -13.73
CA PRO A 192 0.42 25.19 -12.32
C PRO A 192 -0.92 25.88 -12.06
N ASP A 193 -1.52 26.46 -13.09
CA ASP A 193 -2.86 27.04 -12.97
C ASP A 193 -3.92 25.95 -12.88
N LYS A 194 -4.49 25.81 -11.69
CA LYS A 194 -5.48 24.81 -11.39
C LYS A 194 -6.85 25.05 -12.04
N ASN A 195 -7.03 26.22 -12.65
CA ASN A 195 -8.30 26.55 -13.31
C ASN A 195 -8.28 26.50 -14.83
N ASP A 196 -7.22 25.93 -15.40
CA ASP A 196 -7.11 25.78 -16.85
C ASP A 196 -7.78 24.47 -17.31
N TYR A 197 -9.11 24.43 -17.18
CA TYR A 197 -9.90 23.26 -17.52
C TYR A 197 -10.28 23.27 -18.97
N GLU A 198 -10.26 22.11 -19.60
CA GLU A 198 -10.85 22.02 -20.93
C GLU A 198 -11.98 21.02 -20.95
N PHE A 199 -12.97 21.27 -21.80
CA PHE A 199 -14.10 20.39 -21.99
C PHE A 199 -13.63 19.00 -22.43
N CYS A 200 -14.16 17.97 -21.77
CA CYS A 200 -13.99 16.60 -22.22
C CYS A 200 -15.32 16.02 -22.74
N ALA A 201 -16.35 15.96 -21.89
CA ALA A 201 -17.60 15.26 -22.26
C ALA A 201 -18.83 15.73 -21.47
N LYS A 202 -19.99 15.45 -22.04
CA LYS A 202 -21.24 15.97 -21.59
C LYS A 202 -22.32 14.87 -21.79
N VAL A 203 -23.20 14.67 -20.80
CA VAL A 203 -24.33 13.75 -20.95
C VAL A 203 -25.58 14.48 -20.47
N GLU A 204 -26.45 14.84 -21.43
CA GLU A 204 -27.68 15.58 -21.15
C GLU A 204 -28.76 14.61 -20.69
N ASN A 205 -29.57 15.01 -19.70
CA ASN A 205 -30.75 14.26 -19.28
C ASN A 205 -30.41 12.90 -18.66
N MET A 206 -29.38 12.91 -17.82
CA MET A 206 -28.88 11.72 -17.21
C MET A 206 -29.60 11.45 -15.91
N ILE A 207 -30.00 10.21 -15.71
CA ILE A 207 -30.58 9.84 -14.44
C ILE A 207 -29.58 9.03 -13.63
N ILE A 208 -29.39 9.44 -12.38
CA ILE A 208 -28.56 8.75 -11.43
C ILE A 208 -29.32 8.79 -10.11
N PRO A 209 -29.07 7.83 -9.19
CA PRO A 209 -29.86 7.78 -7.95
C PRO A 209 -29.89 9.08 -7.15
N ALA A 210 -30.96 9.28 -6.39
CA ALA A 210 -31.14 10.50 -5.56
C ALA A 210 -30.10 10.57 -4.43
N GLN A 211 -29.63 9.39 -4.01
CA GLN A 211 -28.66 9.25 -2.93
C GLN A 211 -27.59 8.28 -3.38
N GLY A 212 -26.34 8.66 -3.19
CA GLY A 212 -25.21 7.79 -3.56
C GLY A 212 -23.91 8.07 -2.81
N HIS A 213 -22.89 7.34 -2.73
CA HIS A 213 -21.49 7.29 -2.34
C HIS A 213 -20.66 7.86 -3.48
N PHE A 214 -19.82 8.70 -3.12
CA PHE A 214 -18.78 9.07 -4.02
C PHE A 214 -17.59 8.14 -3.87
N GLY A 215 -16.83 7.96 -4.94
CA GLY A 215 -15.73 7.04 -4.85
C GLY A 215 -14.64 7.20 -5.86
N ILE A 216 -13.52 6.64 -5.53
CA ILE A 216 -12.41 6.65 -6.44
C ILE A 216 -11.72 5.28 -6.32
N SER A 217 -11.32 4.72 -7.46
CA SER A 217 -10.68 3.40 -7.48
C SER A 217 -9.69 3.24 -8.62
N ALA A 218 -8.73 2.34 -8.43
CA ALA A 218 -7.75 2.07 -9.46
C ALA A 218 -7.39 0.61 -9.54
N ALA A 219 -6.78 0.22 -10.65
CA ALA A 219 -6.21 -1.14 -10.73
C ALA A 219 -5.08 -1.22 -11.73
N THR A 220 -4.28 -2.28 -11.59
CA THR A 220 -3.20 -2.56 -12.54
C THR A 220 -3.37 -3.93 -13.14
N GLY A 221 -2.87 -4.12 -14.35
CA GLY A 221 -2.88 -5.44 -15.00
C GLY A 221 -1.51 -6.14 -14.99
N GLY A 222 -0.97 -6.38 -16.18
CA GLY A 222 0.38 -6.93 -16.31
C GLY A 222 1.32 -5.76 -16.20
N LEU A 223 1.08 -4.76 -17.06
CA LEU A 223 1.56 -3.39 -16.86
C LEU A 223 0.89 -2.77 -15.60
N ALA A 224 1.50 -1.71 -15.06
CA ALA A 224 1.14 -1.19 -13.74
C ALA A 224 1.71 0.19 -13.46
N ASP A 225 0.81 1.18 -13.41
CA ASP A 225 1.13 2.59 -13.26
C ASP A 225 0.89 2.89 -11.80
N ASP A 226 1.51 3.95 -11.27
CA ASP A 226 1.16 4.43 -9.91
C ASP A 226 -0.08 5.34 -10.01
N HIS A 227 -1.07 5.11 -9.15
CA HIS A 227 -2.35 5.87 -9.24
C HIS A 227 -2.58 6.70 -7.98
N ASP A 228 -2.20 7.96 -8.07
CA ASP A 228 -2.23 8.85 -6.90
C ASP A 228 -3.30 9.92 -7.02
N VAL A 229 -4.13 9.99 -6.00
CA VAL A 229 -5.13 11.07 -5.88
C VAL A 229 -4.73 11.97 -4.71
N LEU A 230 -4.50 13.24 -5.04
CA LEU A 230 -4.03 14.25 -4.10
C LEU A 230 -5.17 14.83 -3.29
N SER A 231 -6.35 14.93 -3.93
CA SER A 231 -7.56 15.46 -3.28
C SER A 231 -8.81 15.14 -4.05
N PHE A 232 -9.92 15.12 -3.33
CA PHE A 232 -11.27 14.87 -3.84
C PHE A 232 -12.14 15.95 -3.17
N LEU A 233 -12.56 16.96 -3.94
CA LEU A 233 -13.30 18.12 -3.35
C LEU A 233 -14.73 18.19 -3.81
N THR A 234 -15.64 18.05 -2.89
CA THR A 234 -17.06 17.99 -3.20
C THR A 234 -17.86 19.24 -2.82
N PHE A 235 -18.63 19.72 -3.78
CA PHE A 235 -19.49 20.86 -3.59
C PHE A 235 -20.95 20.58 -3.90
N GLN A 236 -21.85 21.14 -3.09
CA GLN A 236 -23.27 21.09 -3.38
C GLN A 236 -23.68 22.30 -4.23
N LEU A 237 -24.51 22.05 -5.25
CA LEU A 237 -24.96 23.15 -6.11
C LEU A 237 -26.45 23.43 -5.96
N THR A 238 -26.75 24.71 -5.79
CA THR A 238 -28.11 25.19 -5.68
C THR A 238 -28.47 26.09 -6.88
N GLU A 239 -29.59 25.82 -7.52
CA GLU A 239 -30.08 26.72 -8.59
C GLU A 239 -30.33 28.15 -8.08
N PRO A 240 -29.99 29.17 -8.92
CA PRO A 240 -30.36 30.54 -8.61
C PRO A 240 -31.85 30.62 -8.33
N GLY A 241 -32.22 30.98 -7.10
CA GLY A 241 -33.63 31.11 -6.70
C GLY A 241 -34.00 30.27 -5.48
N LYS A 242 -33.25 29.21 -5.24
CA LYS A 242 -33.48 28.32 -4.09
C LYS A 242 -32.59 28.69 -2.92
N GLU A 243 -32.49 27.78 -1.93
CA GLU A 243 -31.64 27.96 -0.73
C GLU A 243 -30.92 26.67 -0.32
N PRO A 244 -29.63 26.75 0.08
CA PRO A 244 -28.86 25.59 0.58
C PRO A 244 -29.13 25.25 2.05
N LEU B 11 29.46 -30.15 9.19
CA LEU B 11 28.36 -29.79 8.25
C LEU B 11 26.95 -29.86 8.92
N PRO B 12 26.30 -28.69 9.13
CA PRO B 12 24.98 -28.68 9.78
C PRO B 12 23.81 -29.13 8.87
N HIS B 13 22.86 -29.86 9.42
CA HIS B 13 21.68 -30.26 8.65
C HIS B 13 20.70 -29.08 8.46
N ARG B 14 20.26 -28.88 7.23
CA ARG B 14 19.38 -27.76 6.87
C ARG B 14 17.98 -28.29 6.69
N ARG B 15 17.03 -27.75 7.45
CA ARG B 15 15.64 -28.07 7.24
C ARG B 15 14.84 -26.80 6.90
N PHE B 16 14.19 -26.80 5.75
CA PHE B 16 13.35 -25.68 5.38
C PHE B 16 12.07 -25.66 6.20
N GLU B 17 11.67 -24.47 6.59
CA GLU B 17 10.53 -24.31 7.50
C GLU B 17 9.48 -23.42 6.83
N TYR B 18 8.42 -24.06 6.35
CA TYR B 18 7.46 -23.36 5.51
C TYR B 18 6.66 -22.35 6.32
N LYS B 19 6.44 -22.68 7.59
CA LYS B 19 5.59 -21.88 8.46
C LYS B 19 6.18 -20.50 8.78
N TYR B 20 7.50 -20.34 8.61
CA TYR B 20 8.19 -19.07 8.85
C TYR B 20 8.78 -18.51 7.58
N SER B 21 8.14 -18.82 6.45
CA SER B 21 8.58 -18.31 5.18
C SER B 21 7.46 -17.75 4.29
N PHE B 22 7.86 -17.01 3.25
CA PHE B 22 6.96 -16.62 2.18
C PHE B 22 7.75 -16.37 0.90
N LYS B 23 7.08 -16.46 -0.25
CA LYS B 23 7.71 -16.19 -1.55
C LYS B 23 6.72 -16.09 -2.72
N GLY B 24 7.21 -15.66 -3.88
CA GLY B 24 6.49 -15.77 -5.16
C GLY B 24 6.29 -17.20 -5.67
N PRO B 25 5.53 -17.38 -6.77
CA PRO B 25 4.74 -16.33 -7.44
C PRO B 25 3.25 -16.31 -7.04
N HIS B 26 2.88 -17.05 -6.00
CA HIS B 26 1.55 -17.00 -5.39
C HIS B 26 1.59 -16.55 -3.90
N LEU B 27 2.43 -15.55 -3.60
CA LEU B 27 2.71 -15.09 -2.24
C LEU B 27 1.48 -14.85 -1.41
N VAL B 28 0.53 -14.12 -1.98
CA VAL B 28 -0.66 -13.74 -1.24
C VAL B 28 -1.79 -14.71 -1.52
N GLN B 29 -2.62 -14.92 -0.52
CA GLN B 29 -3.85 -15.67 -0.68
C GLN B 29 -4.94 -14.85 -1.34
N SER B 30 -5.98 -15.54 -1.81
CA SER B 30 -7.12 -14.95 -2.52
C SER B 30 -7.78 -13.82 -1.74
N ASP B 31 -7.66 -13.86 -0.41
CA ASP B 31 -8.26 -12.88 0.48
C ASP B 31 -7.30 -11.76 0.93
N GLY B 32 -6.10 -11.69 0.36
CA GLY B 32 -5.13 -10.66 0.73
C GLY B 32 -4.07 -10.97 1.79
N THR B 33 -4.16 -12.11 2.46
CA THR B 33 -3.19 -12.45 3.50
C THR B 33 -1.98 -13.22 2.96
N VAL B 34 -0.82 -13.01 3.61
CA VAL B 34 0.36 -13.87 3.45
C VAL B 34 0.13 -14.98 4.47
N PRO B 35 0.02 -16.24 4.00
CA PRO B 35 -0.17 -17.30 4.97
C PRO B 35 0.91 -17.30 6.06
N PHE B 36 0.48 -17.51 7.30
CA PHE B 36 1.37 -17.59 8.47
C PHE B 36 2.11 -16.27 8.88
N TRP B 37 1.84 -15.18 8.16
CA TRP B 37 2.45 -13.91 8.50
C TRP B 37 1.39 -12.80 8.72
N ALA B 38 1.65 -11.92 9.67
CA ALA B 38 0.79 -10.74 9.79
C ALA B 38 1.51 -9.55 9.19
N HIS B 39 0.83 -8.80 8.33
CA HIS B 39 1.31 -7.54 7.81
C HIS B 39 0.59 -6.41 8.52
N ALA B 40 1.21 -5.23 8.47
CA ALA B 40 0.68 -4.11 9.25
C ALA B 40 1.21 -2.79 8.71
N GLY B 41 0.62 -1.71 9.22
CA GLY B 41 0.91 -0.36 8.74
C GLY B 41 0.41 -0.28 7.31
N ASN B 42 1.26 0.19 6.43
CA ASN B 42 1.00 0.21 5.02
C ASN B 42 1.82 -0.87 4.29
N ALA B 43 1.80 -2.09 4.82
CA ALA B 43 2.49 -3.18 4.12
C ALA B 43 1.57 -3.75 3.06
N ILE B 44 2.04 -3.72 1.81
CA ILE B 44 1.25 -4.34 0.72
C ILE B 44 1.79 -5.68 0.15
N PRO B 45 1.11 -6.79 0.50
CA PRO B 45 1.46 -8.06 -0.10
C PRO B 45 0.76 -8.26 -1.43
N SER B 46 1.52 -8.73 -2.43
CA SER B 46 0.95 -9.15 -3.71
C SER B 46 1.49 -10.57 -4.03
N SER B 47 1.38 -11.02 -5.28
CA SER B 47 1.74 -12.42 -5.62
C SER B 47 3.23 -12.68 -5.74
N ASP B 48 4.00 -11.69 -6.19
CA ASP B 48 5.45 -11.82 -6.41
C ASP B 48 6.37 -11.09 -5.43
N GLN B 49 5.84 -10.12 -4.67
CA GLN B 49 6.60 -9.40 -3.61
C GLN B 49 5.70 -8.76 -2.54
N ILE B 50 6.32 -8.34 -1.44
CA ILE B 50 5.65 -7.43 -0.51
C ILE B 50 6.34 -6.05 -0.51
N ARG B 51 5.63 -5.01 -1.00
CA ARG B 51 6.16 -3.64 -0.90
C ARG B 51 6.00 -3.22 0.57
N VAL B 52 7.09 -3.28 1.32
CA VAL B 52 6.96 -3.14 2.78
C VAL B 52 6.69 -1.65 3.10
N ALA B 53 7.48 -0.76 2.52
CA ALA B 53 7.22 0.67 2.60
C ALA B 53 7.43 1.29 1.24
N PRO B 54 6.38 1.94 0.71
CA PRO B 54 6.37 2.60 -0.61
C PRO B 54 7.18 3.90 -0.60
N SER B 55 7.56 4.35 -1.79
CA SER B 55 8.17 5.64 -2.00
C SER B 55 7.24 6.86 -1.73
N LEU B 56 6.28 6.73 -0.82
CA LEU B 56 5.48 7.85 -0.26
C LEU B 56 5.98 8.32 1.11
N LYS B 57 5.52 9.50 1.55
CA LYS B 57 6.11 10.20 2.69
C LYS B 57 5.69 9.60 4.00
N SER B 58 6.64 9.50 4.92
CA SER B 58 6.42 9.00 6.29
C SER B 58 5.59 7.71 6.33
N GLN B 59 6.13 6.68 5.65
CA GLN B 59 5.43 5.40 5.53
C GLN B 59 5.99 4.39 6.50
N ARG B 60 5.12 3.52 6.98
CA ARG B 60 5.54 2.49 7.91
C ARG B 60 4.84 1.18 7.61
N GLY B 61 5.64 0.11 7.58
CA GLY B 61 5.09 -1.21 7.28
C GLY B 61 5.91 -2.32 7.87
N SER B 62 5.23 -3.41 8.23
CA SER B 62 5.91 -4.55 8.76
C SER B 62 5.21 -5.87 8.43
N VAL B 63 6.02 -6.91 8.23
CA VAL B 63 5.51 -8.25 8.10
C VAL B 63 6.18 -9.10 9.17
N TRP B 64 5.40 -9.64 10.10
CA TRP B 64 5.95 -10.56 11.09
C TRP B 64 5.31 -11.93 11.07
N THR B 65 6.01 -12.95 11.56
CA THR B 65 5.41 -14.29 11.67
C THR B 65 4.37 -14.36 12.77
N LYS B 66 3.30 -15.12 12.55
CA LYS B 66 2.19 -15.23 13.52
C LYS B 66 2.56 -15.95 14.80
N THR B 67 3.40 -16.98 14.70
CA THR B 67 3.83 -17.69 15.90
C THR B 67 5.33 -17.58 16.09
N LYS B 68 5.75 -17.90 17.30
CA LYS B 68 7.15 -17.91 17.65
C LYS B 68 7.84 -19.16 17.08
N ALA B 69 9.07 -18.99 16.55
CA ALA B 69 9.95 -20.12 16.17
C ALA B 69 10.79 -20.49 17.37
N ALA B 70 10.96 -21.78 17.63
CA ALA B 70 11.81 -22.21 18.76
C ALA B 70 13.00 -22.99 18.27
N PHE B 71 13.87 -22.34 17.50
CA PHE B 71 15.01 -23.04 16.92
C PHE B 71 16.26 -22.58 17.62
N GLU B 72 17.09 -23.53 18.05
CA GLU B 72 18.33 -23.20 18.70
C GLU B 72 19.31 -22.66 17.67
N ASN B 73 19.29 -23.27 16.49
CA ASN B 73 20.12 -22.82 15.40
C ASN B 73 19.28 -22.60 14.16
N TRP B 74 19.49 -21.47 13.49
CA TRP B 74 18.70 -21.16 12.27
C TRP B 74 19.46 -20.35 11.23
N GLU B 75 18.82 -20.17 10.06
CA GLU B 75 19.36 -19.36 9.00
C GLU B 75 18.16 -18.81 8.24
N VAL B 76 18.21 -17.55 7.82
CA VAL B 76 17.13 -16.97 7.03
C VAL B 76 17.76 -16.31 5.79
N GLU B 77 17.21 -16.58 4.62
CA GLU B 77 17.67 -15.87 3.42
C GLU B 77 16.56 -14.93 3.01
N VAL B 78 16.91 -13.67 2.74
CA VAL B 78 15.89 -12.62 2.50
C VAL B 78 16.23 -11.90 1.22
N THR B 79 15.34 -11.92 0.27
CA THR B 79 15.65 -11.32 -1.02
C THR B 79 14.87 -10.01 -1.17
N PHE B 80 15.56 -8.94 -1.55
CA PHE B 80 14.86 -7.69 -1.59
C PHE B 80 15.38 -6.67 -2.58
N ARG B 81 14.51 -5.70 -2.88
CA ARG B 81 14.92 -4.55 -3.68
C ARG B 81 14.65 -3.31 -2.88
N VAL B 82 15.59 -2.38 -2.87
CA VAL B 82 15.30 -1.03 -2.36
C VAL B 82 15.59 -0.06 -3.49
N THR B 83 14.54 0.58 -3.98
CA THR B 83 14.62 1.38 -5.21
C THR B 83 14.24 2.85 -5.00
N GLY B 84 15.04 3.75 -5.51
CA GLY B 84 14.76 5.16 -5.33
C GLY B 84 15.31 6.00 -6.45
N ARG B 85 14.52 6.96 -6.87
CA ARG B 85 14.84 7.83 -8.03
C ARG B 85 16.18 8.56 -7.94
N GLY B 86 16.71 8.67 -6.72
CA GLY B 86 17.89 9.43 -6.46
C GLY B 86 19.03 8.60 -5.93
N ARG B 87 20.12 9.31 -5.61
CA ARG B 87 21.38 8.71 -5.21
C ARG B 87 21.44 8.64 -3.70
N ILE B 88 20.50 9.33 -3.06
CA ILE B 88 20.28 9.23 -1.61
C ILE B 88 18.84 8.82 -1.41
N GLY B 89 18.60 7.78 -0.62
CA GLY B 89 17.22 7.33 -0.29
C GLY B 89 17.03 7.13 1.20
N ALA B 90 15.79 6.83 1.61
CA ALA B 90 15.42 6.78 3.02
C ALA B 90 14.19 5.92 3.25
N ASP B 91 14.06 5.24 4.41
CA ASP B 91 15.05 5.24 5.49
C ASP B 91 15.83 3.95 5.53
N GLY B 92 15.15 2.88 5.15
CA GLY B 92 15.77 1.57 5.15
C GLY B 92 14.83 0.44 5.57
N LEU B 93 15.43 -0.74 5.68
CA LEU B 93 14.69 -1.93 5.95
C LEU B 93 15.33 -2.66 7.10
N ALA B 94 14.49 -3.34 7.88
CA ALA B 94 15.00 -4.12 9.01
C ALA B 94 14.50 -5.57 9.05
N ILE B 95 15.42 -6.48 9.34
CA ILE B 95 15.12 -7.87 9.52
C ILE B 95 15.31 -8.15 10.99
N TRP B 96 14.34 -8.85 11.58
CA TRP B 96 14.23 -9.06 13.03
C TRP B 96 14.10 -10.53 13.50
N TYR B 97 14.76 -10.84 14.60
CA TYR B 97 14.31 -11.91 15.47
C TYR B 97 14.06 -11.39 16.89
N ALA B 98 12.84 -11.48 17.37
CA ALA B 98 12.53 -10.86 18.66
C ALA B 98 11.47 -11.60 19.40
N GLU B 99 11.43 -11.39 20.71
CA GLU B 99 10.48 -12.04 21.60
C GLU B 99 9.06 -11.70 21.20
N ASN B 100 8.81 -10.42 20.91
CA ASN B 100 7.49 -10.00 20.51
C ASN B 100 7.39 -9.59 19.05
N GLN B 101 6.20 -9.68 18.48
CA GLN B 101 5.92 -8.98 17.22
C GLN B 101 6.01 -7.50 17.49
N GLY B 102 6.83 -6.79 16.75
CA GLY B 102 6.84 -5.34 16.77
C GLY B 102 6.08 -4.84 15.57
N LEU B 103 4.76 -4.95 15.65
CA LEU B 103 3.92 -4.65 14.50
C LEU B 103 4.07 -3.23 13.95
N GLU B 104 3.98 -2.23 14.83
CA GLU B 104 4.02 -0.83 14.42
C GLU B 104 4.98 -0.05 15.35
N GLY B 105 5.66 0.97 14.83
CA GLY B 105 6.57 1.78 15.65
C GLY B 105 7.57 2.62 14.87
N PRO B 106 8.50 3.31 15.59
CA PRO B 106 9.39 4.30 15.00
C PRO B 106 10.75 3.75 14.57
N VAL B 107 10.91 2.43 14.73
CA VAL B 107 12.16 1.78 14.40
C VAL B 107 12.06 1.05 13.08
N PHE B 108 12.42 1.75 12.00
CA PHE B 108 12.39 1.21 10.62
C PHE B 108 11.11 0.47 10.37
N GLY B 109 10.02 0.98 10.91
CA GLY B 109 8.67 0.43 10.68
C GLY B 109 8.03 -0.25 11.87
N SER B 110 8.83 -0.70 12.84
CA SER B 110 8.27 -1.50 13.95
C SER B 110 8.62 -1.03 15.37
N ALA B 111 8.09 -1.75 16.38
CA ALA B 111 8.29 -1.39 17.81
C ALA B 111 9.76 -1.19 18.24
N ASP B 112 9.95 -0.17 19.06
CA ASP B 112 11.21 0.09 19.77
C ASP B 112 11.30 -0.86 20.98
N LEU B 113 12.45 -0.90 21.64
CA LEU B 113 12.61 -1.69 22.88
C LEU B 113 12.33 -3.18 22.68
N TRP B 114 12.93 -3.76 21.64
CA TRP B 114 12.68 -5.15 21.29
C TRP B 114 13.57 -6.03 22.12
N ASN B 115 13.14 -7.24 22.40
CA ASN B 115 14.01 -8.20 23.02
C ASN B 115 14.57 -9.17 21.94
N GLY B 116 15.79 -8.90 21.51
CA GLY B 116 16.49 -9.77 20.57
C GLY B 116 17.38 -8.97 19.65
N VAL B 117 17.30 -9.21 18.35
CA VAL B 117 18.23 -8.62 17.41
C VAL B 117 17.45 -8.11 16.21
N GLY B 118 17.91 -6.98 15.69
CA GLY B 118 17.40 -6.38 14.45
C GLY B 118 18.62 -6.11 13.63
N ILE B 119 18.57 -6.42 12.35
CA ILE B 119 19.68 -6.18 11.44
C ILE B 119 19.13 -5.12 10.52
N PHE B 120 19.72 -3.94 10.59
CA PHE B 120 19.21 -2.76 9.89
C PHE B 120 19.99 -2.44 8.66
N PHE B 121 19.25 -2.26 7.58
CA PHE B 121 19.80 -1.92 6.29
C PHE B 121 19.51 -0.42 6.13
N ASP B 122 20.49 0.37 6.54
CA ASP B 122 20.29 1.80 6.78
C ASP B 122 20.84 2.59 5.62
N SER B 123 19.93 3.12 4.85
CA SER B 123 20.32 3.82 3.65
C SER B 123 20.49 5.32 3.93
N PHE B 124 19.95 5.83 5.07
CA PHE B 124 19.96 7.28 5.37
C PHE B 124 20.92 7.75 6.50
N ASP B 125 21.82 8.64 6.13
CA ASP B 125 22.96 9.02 6.94
C ASP B 125 22.51 10.10 7.92
N ASN B 126 21.98 9.69 9.06
CA ASN B 126 21.33 10.65 9.94
C ASN B 126 22.35 11.53 10.68
N ASP B 127 23.52 10.97 10.97
CA ASP B 127 24.60 11.64 11.69
C ASP B 127 25.66 12.26 10.79
N GLY B 128 25.45 12.25 9.48
CA GLY B 128 26.32 12.95 8.54
C GLY B 128 27.75 12.45 8.52
N LYS B 129 27.94 11.18 8.89
CA LYS B 129 29.28 10.57 8.97
C LYS B 129 29.78 9.99 7.65
N LYS B 130 28.99 10.14 6.59
CA LYS B 130 29.33 9.68 5.23
C LYS B 130 29.51 8.17 5.12
N ASN B 131 28.72 7.43 5.90
CA ASN B 131 28.93 5.99 6.06
C ASN B 131 27.63 5.18 5.88
N ASN B 132 26.96 5.47 4.77
CA ASN B 132 25.70 4.88 4.35
C ASN B 132 25.68 4.72 2.78
N PRO B 133 24.82 3.82 2.25
CA PRO B 133 24.03 2.82 2.96
C PRO B 133 24.92 1.86 3.76
N ALA B 134 24.42 1.46 4.93
CA ALA B 134 25.17 0.59 5.84
C ALA B 134 24.24 -0.47 6.38
N ILE B 135 24.83 -1.54 6.87
CA ILE B 135 24.10 -2.64 7.51
C ILE B 135 24.62 -2.89 8.94
N VAL B 136 23.74 -2.74 9.89
CA VAL B 136 24.13 -2.69 11.28
C VAL B 136 23.34 -3.67 12.13
N ILE B 137 24.05 -4.51 12.88
CA ILE B 137 23.42 -5.51 13.76
C ILE B 137 23.26 -4.94 15.18
N ILE B 138 22.04 -4.91 15.70
CA ILE B 138 21.79 -4.24 16.97
C ILE B 138 20.99 -5.14 17.90
N GLY B 139 21.64 -5.59 18.96
CA GLY B 139 21.00 -6.43 19.94
C GLY B 139 20.26 -5.54 20.92
N ASN B 140 19.23 -6.09 21.54
CA ASN B 140 18.43 -5.39 22.51
C ASN B 140 17.83 -6.33 23.56
N ASN B 141 17.69 -5.83 24.78
CA ASN B 141 17.13 -6.62 25.84
C ASN B 141 15.79 -6.11 26.35
N GLY B 142 15.13 -5.26 25.54
CA GLY B 142 13.82 -4.70 25.86
C GLY B 142 13.85 -3.36 26.57
N GLN B 143 15.04 -2.79 26.68
CA GLN B 143 15.22 -1.61 27.53
C GLN B 143 15.84 -0.42 26.82
N ILE B 144 16.51 -0.67 25.69
CA ILE B 144 17.26 0.37 25.00
C ILE B 144 16.43 0.90 23.85
N HIS B 145 16.39 2.22 23.71
CA HIS B 145 15.72 2.85 22.59
C HIS B 145 16.71 2.85 21.41
N TYR B 146 16.22 2.52 20.23
CA TYR B 146 17.03 2.68 19.02
C TYR B 146 17.54 4.10 18.85
N ASP B 147 18.84 4.25 18.66
CA ASP B 147 19.35 5.55 18.34
C ASP B 147 19.36 5.82 16.87
N HIS B 148 18.39 6.60 16.47
CA HIS B 148 18.04 6.90 15.14
C HIS B 148 18.96 7.94 14.54
N GLN B 149 19.37 8.85 15.40
CA GLN B 149 20.08 10.04 14.95
C GLN B 149 21.55 9.73 14.71
N ASN B 150 22.07 8.68 15.33
CA ASN B 150 23.41 8.19 15.01
C ASN B 150 23.41 6.86 14.22
N ASP B 151 22.30 6.58 13.53
CA ASP B 151 22.19 5.37 12.70
C ASP B 151 22.63 4.12 13.49
N GLY B 152 22.34 4.10 14.79
CA GLY B 152 22.66 2.97 15.68
C GLY B 152 24.13 2.80 16.06
N ALA B 153 24.97 3.74 15.64
CA ALA B 153 26.43 3.71 15.94
C ALA B 153 26.83 3.60 17.44
N SER B 154 25.95 4.03 18.32
CA SER B 154 26.23 3.93 19.75
C SER B 154 25.81 2.59 20.36
N GLN B 155 25.24 1.71 19.53
CA GLN B 155 24.62 0.49 20.00
C GLN B 155 24.94 -0.71 19.11
N ALA B 156 25.65 -0.46 18.02
CA ALA B 156 25.95 -1.48 17.04
C ALA B 156 26.88 -2.54 17.62
N LEU B 157 26.54 -3.80 17.35
CA LEU B 157 27.42 -4.91 17.69
C LEU B 157 28.45 -5.21 16.62
N ALA B 158 28.05 -4.99 15.36
CA ALA B 158 28.87 -5.19 14.17
C ALA B 158 28.26 -4.41 13.03
N SER B 159 29.04 -4.04 12.02
CA SER B 159 28.52 -3.34 10.86
C SER B 159 29.36 -3.49 9.60
N CYS B 160 28.74 -3.24 8.44
CA CYS B 160 29.43 -3.11 7.19
C CYS B 160 28.83 -2.03 6.29
N GLN B 161 29.65 -1.59 5.32
CA GLN B 161 29.17 -0.67 4.29
C GLN B 161 28.79 -1.47 3.05
N ARG B 162 27.52 -1.42 2.64
CA ARG B 162 27.06 -2.06 1.40
C ARG B 162 26.04 -1.17 0.80
N ASP B 163 26.25 -0.80 -0.45
CA ASP B 163 25.25 -0.07 -1.16
C ASP B 163 24.20 -1.05 -1.70
N PHE B 164 23.18 -1.28 -0.88
CA PHE B 164 22.13 -2.22 -1.22
C PHE B 164 20.97 -1.58 -1.98
N ARG B 165 21.18 -0.43 -2.61
CA ARG B 165 20.09 0.30 -3.25
C ARG B 165 20.20 0.27 -4.77
N ASN B 166 19.04 0.19 -5.45
CA ASN B 166 19.04 0.35 -6.90
C ASN B 166 20.01 -0.61 -7.56
N LYS B 167 19.93 -1.89 -7.18
CA LYS B 167 20.84 -2.85 -7.78
C LYS B 167 20.21 -3.65 -8.97
N PRO B 168 21.05 -4.02 -9.96
CA PRO B 168 20.58 -4.73 -11.17
C PRO B 168 19.74 -5.95 -10.87
N TYR B 169 20.15 -6.70 -9.85
CA TYR B 169 19.40 -7.88 -9.44
C TYR B 169 19.04 -7.78 -7.96
N PRO B 170 17.97 -8.48 -7.53
CA PRO B 170 17.57 -8.45 -6.11
C PRO B 170 18.73 -8.72 -5.15
N VAL B 171 18.85 -7.90 -4.11
CA VAL B 171 19.88 -8.05 -3.11
C VAL B 171 19.41 -9.11 -2.14
N ARG B 172 20.34 -9.92 -1.64
CA ARG B 172 19.96 -10.99 -0.70
C ARG B 172 20.72 -10.88 0.61
N ALA B 173 20.06 -11.24 1.72
CA ALA B 173 20.72 -11.30 3.02
C ALA B 173 20.62 -12.73 3.63
N LYS B 174 21.76 -13.27 4.05
CA LYS B 174 21.80 -14.55 4.75
C LYS B 174 22.17 -14.30 6.19
N ILE B 175 21.23 -14.48 7.08
CA ILE B 175 21.53 -14.29 8.47
C ILE B 175 21.46 -15.67 9.14
N THR B 176 22.59 -16.07 9.72
CA THR B 176 22.72 -17.39 10.33
C THR B 176 23.00 -17.30 11.81
N TYR B 177 22.15 -17.92 12.61
CA TYR B 177 22.44 -18.06 14.03
C TYR B 177 22.84 -19.47 14.36
N TYR B 178 24.16 -19.67 14.53
CA TYR B 178 24.71 -21.03 14.70
C TYR B 178 25.79 -21.06 15.78
N GLN B 179 25.62 -21.96 16.73
CA GLN B 179 26.55 -22.10 17.86
C GLN B 179 26.86 -20.77 18.54
N ASN B 180 25.81 -20.00 18.76
CA ASN B 180 25.85 -18.72 19.45
C ASN B 180 26.44 -17.55 18.62
N THR B 181 26.80 -17.82 17.38
CA THR B 181 27.36 -16.86 16.44
C THR B 181 26.28 -16.42 15.43
N LEU B 182 26.05 -15.11 15.33
CA LEU B 182 25.19 -14.54 14.29
C LEU B 182 26.06 -13.98 13.17
N THR B 183 25.82 -14.44 11.95
CA THR B 183 26.58 -14.02 10.81
C THR B 183 25.63 -13.45 9.75
N VAL B 184 26.00 -12.32 9.16
CA VAL B 184 25.29 -11.71 8.03
C VAL B 184 26.18 -11.78 6.77
N MET B 185 25.68 -12.36 5.69
CA MET B 185 26.40 -12.39 4.40
C MET B 185 25.48 -11.72 3.43
N ILE B 186 26.08 -11.01 2.46
CA ILE B 186 25.26 -10.19 1.57
C ILE B 186 25.59 -10.51 0.11
N ASN B 187 24.55 -10.87 -0.64
CA ASN B 187 24.64 -10.94 -2.08
C ASN B 187 24.24 -9.55 -2.61
N ASN B 188 25.20 -8.84 -3.15
CA ASN B 188 25.06 -7.40 -3.38
C ASN B 188 24.27 -7.06 -4.63
N GLY B 189 23.65 -8.06 -5.24
CA GLY B 189 22.73 -7.84 -6.36
C GLY B 189 23.32 -7.43 -7.70
N PHE B 190 24.57 -7.74 -7.94
CA PHE B 190 25.23 -7.47 -9.22
C PHE B 190 25.21 -8.61 -10.25
N THR B 191 24.80 -9.81 -9.85
CA THR B 191 24.74 -10.97 -10.76
C THR B 191 23.49 -11.75 -10.51
N PRO B 192 23.06 -12.55 -11.49
CA PRO B 192 21.89 -13.37 -11.27
C PRO B 192 22.21 -14.62 -10.44
N ASP B 193 23.50 -14.81 -10.11
CA ASP B 193 23.91 -15.92 -9.23
C ASP B 193 23.55 -15.62 -7.78
N LYS B 194 22.53 -16.33 -7.30
CA LYS B 194 21.98 -16.10 -5.96
C LYS B 194 22.88 -16.58 -4.82
N ASN B 195 24.00 -17.21 -5.18
CA ASN B 195 24.95 -17.76 -4.21
C ASN B 195 26.28 -17.02 -4.16
N ASP B 196 26.33 -15.84 -4.77
CA ASP B 196 27.48 -14.99 -4.68
C ASP B 196 27.38 -14.11 -3.41
N TYR B 197 27.44 -14.73 -2.22
CA TYR B 197 27.37 -14.01 -0.96
C TYR B 197 28.71 -13.49 -0.50
N GLU B 198 28.75 -12.25 0.00
CA GLU B 198 30.00 -11.78 0.59
C GLU B 198 29.82 -11.52 2.05
N PHE B 199 30.88 -11.72 2.83
CA PHE B 199 30.86 -11.41 4.27
C PHE B 199 30.53 -9.94 4.57
N CYS B 200 29.65 -9.72 5.53
CA CYS B 200 29.32 -8.37 6.04
C CYS B 200 29.77 -8.28 7.51
N ALA B 201 29.17 -9.06 8.41
CA ALA B 201 29.38 -8.90 9.85
C ALA B 201 29.09 -10.16 10.63
N LYS B 202 29.61 -10.23 11.84
CA LYS B 202 29.62 -11.46 12.65
C LYS B 202 29.54 -10.99 14.11
N VAL B 203 28.77 -11.70 14.95
CA VAL B 203 28.73 -11.40 16.38
C VAL B 203 28.87 -12.71 17.13
N GLU B 204 30.01 -12.87 17.79
CA GLU B 204 30.34 -14.11 18.51
C GLU B 204 29.70 -14.07 19.89
N ASN B 205 29.29 -15.23 20.39
CA ASN B 205 28.65 -15.39 21.71
C ASN B 205 27.45 -14.45 21.95
N MET B 206 26.54 -14.43 20.97
CA MET B 206 25.37 -13.57 21.02
C MET B 206 24.17 -14.25 21.67
N ILE B 207 23.45 -13.50 22.50
CA ILE B 207 22.33 -14.07 23.21
C ILE B 207 21.07 -13.40 22.65
N ILE B 208 20.11 -14.25 22.31
CA ILE B 208 18.82 -13.85 21.84
C ILE B 208 17.84 -14.84 22.46
N PRO B 209 16.57 -14.44 22.61
CA PRO B 209 15.60 -15.31 23.26
C PRO B 209 15.49 -16.68 22.63
N ALA B 210 15.13 -17.68 23.46
CA ALA B 210 14.99 -19.08 23.01
C ALA B 210 13.84 -19.28 22.07
N GLN B 211 12.86 -18.38 22.15
CA GLN B 211 11.71 -18.33 21.28
C GLN B 211 11.49 -16.88 20.76
N GLY B 212 11.29 -16.70 19.47
CA GLY B 212 10.96 -15.38 18.93
C GLY B 212 10.25 -15.39 17.60
N HIS B 213 9.71 -14.26 17.11
CA HIS B 213 9.07 -14.00 15.84
C HIS B 213 10.15 -13.60 14.87
N PHE B 214 10.04 -13.97 13.72
CA PHE B 214 10.81 -13.34 12.66
C PHE B 214 10.01 -12.18 12.10
N GLY B 215 10.71 -11.19 11.57
CA GLY B 215 10.05 -10.04 11.01
C GLY B 215 10.87 -9.28 9.96
N ILE B 216 10.15 -8.50 9.18
CA ILE B 216 10.80 -7.62 8.25
C ILE B 216 9.95 -6.36 8.20
N SER B 217 10.60 -5.21 8.28
CA SER B 217 9.89 -3.93 8.30
C SER B 217 10.65 -2.82 7.59
N ALA B 218 9.93 -1.78 7.19
CA ALA B 218 10.54 -0.66 6.45
C ALA B 218 9.85 0.64 6.84
N ALA B 219 10.53 1.75 6.57
CA ALA B 219 9.94 3.07 6.77
C ALA B 219 10.56 4.07 5.84
N THR B 220 9.81 5.15 5.58
CA THR B 220 10.36 6.30 4.85
C THR B 220 10.30 7.57 5.70
N GLY B 221 11.19 8.50 5.42
CA GLY B 221 11.14 9.83 6.05
C GLY B 221 10.56 10.89 5.13
N GLY B 222 11.38 11.92 4.89
CA GLY B 222 11.04 12.99 3.96
C GLY B 222 11.33 12.44 2.60
N LEU B 223 12.58 11.98 2.41
CA LEU B 223 12.97 11.06 1.32
C LEU B 223 12.34 9.65 1.54
N ALA B 224 12.12 8.93 0.43
CA ALA B 224 11.24 7.76 0.42
C ALA B 224 11.55 6.79 -0.72
N ASP B 225 12.12 5.64 -0.37
CA ASP B 225 12.57 4.63 -1.32
C ASP B 225 11.50 3.58 -1.32
N ASP B 226 11.34 2.83 -2.41
CA ASP B 226 10.46 1.62 -2.40
C ASP B 226 11.15 0.44 -1.70
N HIS B 227 10.50 -0.18 -0.72
CA HIS B 227 11.15 -1.32 -0.02
C HIS B 227 10.39 -2.62 -0.30
N ASP B 228 10.93 -3.38 -1.23
CA ASP B 228 10.29 -4.61 -1.67
C ASP B 228 11.06 -5.83 -1.20
N VAL B 229 10.33 -6.74 -0.57
CA VAL B 229 10.87 -8.05 -0.22
C VAL B 229 10.19 -9.13 -1.09
N LEU B 230 11.04 -9.85 -1.82
CA LEU B 230 10.58 -10.91 -2.78
C LEU B 230 10.38 -12.24 -2.06
N SER B 231 11.23 -12.54 -1.09
CA SER B 231 11.08 -13.76 -0.30
C SER B 231 11.78 -13.65 1.03
N PHE B 232 11.25 -14.41 1.99
CA PHE B 232 11.85 -14.63 3.31
C PHE B 232 11.88 -16.15 3.54
N LEU B 233 13.08 -16.74 3.59
CA LEU B 233 13.23 -18.22 3.59
C LEU B 233 13.97 -18.67 4.81
N THR B 234 13.31 -19.48 5.62
CA THR B 234 13.78 -19.82 6.93
C THR B 234 14.15 -21.30 6.95
N PHE B 235 15.32 -21.61 7.53
CA PHE B 235 15.82 -22.95 7.70
C PHE B 235 16.19 -23.20 9.17
N GLN B 236 15.84 -24.38 9.69
CA GLN B 236 16.38 -24.82 10.97
C GLN B 236 17.73 -25.51 10.77
N LEU B 237 18.65 -25.25 11.67
CA LEU B 237 19.95 -25.88 11.60
C LEU B 237 20.14 -26.81 12.80
N THR B 238 20.81 -27.93 12.53
CA THR B 238 21.08 -28.97 13.51
C THR B 238 22.55 -29.32 13.46
N GLU B 239 23.22 -29.29 14.61
CA GLU B 239 24.64 -29.66 14.66
C GLU B 239 24.88 -31.08 14.16
N PRO B 240 26.00 -31.31 13.44
CA PRO B 240 26.40 -32.69 13.11
C PRO B 240 26.48 -33.50 14.40
N GLY B 241 25.67 -34.56 14.50
CA GLY B 241 25.61 -35.40 15.69
C GLY B 241 24.23 -35.55 16.29
N LYS B 242 23.37 -34.53 16.10
CA LYS B 242 22.00 -34.53 16.65
C LYS B 242 20.96 -34.88 15.58
N GLU B 243 19.69 -34.71 15.91
CA GLU B 243 18.59 -35.01 14.97
C GLU B 243 17.53 -33.89 14.91
N PRO B 244 16.99 -33.60 13.71
CA PRO B 244 15.85 -32.66 13.56
C PRO B 244 14.48 -33.28 13.89
N GLU C 13 4.91 40.33 22.62
CA GLU C 13 3.69 39.54 22.37
C GLU C 13 2.67 40.28 21.49
N MET C 14 1.61 39.57 21.11
CA MET C 14 0.64 40.03 20.11
C MET C 14 -0.52 40.77 20.74
N SER C 15 -1.14 41.66 19.97
CA SER C 15 -2.36 42.34 20.40
C SER C 15 -3.58 41.38 20.26
N PRO C 16 -4.74 41.73 20.82
CA PRO C 16 -5.84 40.76 20.71
C PRO C 16 -6.20 40.45 19.27
N GLN C 17 -6.18 41.48 18.41
CA GLN C 17 -6.43 41.37 16.96
C GLN C 17 -5.37 40.54 16.25
N GLU C 18 -4.10 40.80 16.55
CA GLU C 18 -3.00 40.00 16.00
C GLU C 18 -3.06 38.54 16.46
N LEU C 19 -3.67 38.28 17.62
CA LEU C 19 -3.81 36.92 18.12
C LEU C 19 -4.95 36.20 17.39
N GLN C 20 -6.02 36.91 17.11
CA GLN C 20 -7.12 36.36 16.35
C GLN C 20 -6.71 35.93 14.93
N LEU C 21 -6.03 36.80 14.19
CA LEU C 21 -5.55 36.47 12.85
C LEU C 21 -4.59 35.29 12.93
N HIS C 22 -3.77 35.29 13.96
CA HIS C 22 -2.83 34.20 14.12
C HIS C 22 -3.51 32.83 14.22
N TYR C 23 -4.52 32.73 15.08
CA TYR C 23 -5.21 31.46 15.25
C TYR C 23 -6.18 31.12 14.11
N PHE C 24 -6.60 32.16 13.37
CA PHE C 24 -7.34 31.97 12.14
C PHE C 24 -6.50 31.32 11.01
N LYS C 25 -5.27 31.78 10.84
CA LYS C 25 -4.40 31.26 9.81
C LYS C 25 -3.64 29.99 10.21
N MET C 26 -3.74 29.58 11.47
CA MET C 26 -2.98 28.45 11.99
C MET C 26 -3.33 27.13 11.28
N HIS C 27 -4.60 26.97 10.94
CA HIS C 27 -5.01 25.78 10.22
C HIS C 27 -5.50 26.07 8.83
N ASP C 28 -5.02 27.17 8.24
CA ASP C 28 -5.39 27.54 6.89
C ASP C 28 -4.29 26.99 5.97
N TYR C 29 -4.23 25.67 5.94
CA TYR C 29 -3.16 24.94 5.21
C TYR C 29 -3.09 25.20 3.74
N ASP C 30 -4.23 25.48 3.10
CA ASP C 30 -4.20 25.84 1.69
C ASP C 30 -4.04 27.34 1.42
N GLY C 31 -3.94 28.12 2.50
CA GLY C 31 -3.59 29.55 2.43
C GLY C 31 -4.65 30.39 1.72
N ASN C 32 -5.89 29.90 1.66
CA ASN C 32 -6.95 30.65 0.97
C ASN C 32 -7.77 31.53 1.91
N ASN C 33 -7.22 31.84 3.09
CA ASN C 33 -7.87 32.72 4.07
C ASN C 33 -9.30 32.34 4.32
N LEU C 34 -9.61 31.05 4.18
CA LEU C 34 -10.94 30.47 4.50
C LEU C 34 -10.75 29.14 5.23
N LEU C 35 -11.53 28.92 6.27
CA LEU C 35 -11.45 27.67 6.97
C LEU C 35 -12.55 26.69 6.55
N ASP C 36 -12.15 25.54 6.00
CA ASP C 36 -13.16 24.55 5.67
C ASP C 36 -13.27 23.50 6.80
N GLY C 37 -14.26 22.63 6.74
CA GLY C 37 -14.40 21.54 7.70
C GLY C 37 -13.22 20.56 7.84
N LEU C 38 -12.44 20.36 6.78
CA LEU C 38 -11.32 19.42 6.86
C LEU C 38 -10.18 20.01 7.67
N GLU C 39 -9.94 21.31 7.43
CA GLU C 39 -8.98 22.10 8.17
C GLU C 39 -9.41 22.18 9.65
N LEU C 40 -10.68 22.39 9.89
CA LEU C 40 -11.19 22.24 11.25
C LEU C 40 -10.90 20.83 11.84
N SER C 41 -11.06 19.75 11.06
CA SER C 41 -10.81 18.37 11.56
C SER C 41 -9.43 18.28 12.19
N THR C 42 -8.48 18.92 11.52
CA THR C 42 -7.10 18.80 11.84
C THR C 42 -6.89 19.55 13.14
N ALA C 43 -7.64 20.63 13.32
CA ALA C 43 -7.57 21.45 14.51
C ALA C 43 -8.10 20.70 15.72
N ILE C 44 -9.27 20.10 15.54
CA ILE C 44 -9.88 19.20 16.51
C ILE C 44 -9.07 17.88 16.79
N THR C 45 -8.14 17.51 15.92
CA THR C 45 -7.29 16.33 16.20
C THR C 45 -5.81 16.63 16.00
N PRO C 57 -7.44 8.20 23.15
CA PRO C 57 -6.90 8.36 21.79
C PRO C 57 -7.79 9.25 20.91
N LEU C 58 -8.30 8.68 19.81
CA LEU C 58 -9.03 9.43 18.81
C LEU C 58 -10.52 9.37 19.08
N MET C 59 -11.21 10.47 18.83
CA MET C 59 -12.65 10.56 19.04
C MET C 59 -13.42 9.86 17.90
N SER C 60 -14.61 9.37 18.21
CA SER C 60 -15.44 8.72 17.20
C SER C 60 -15.80 9.72 16.12
N GLU C 61 -15.97 9.22 14.90
CA GLU C 61 -16.15 10.07 13.74
C GLU C 61 -17.47 10.85 13.81
N ASP C 62 -18.43 10.28 14.53
CA ASP C 62 -19.70 10.92 14.79
C ASP C 62 -19.57 12.21 15.63
N GLU C 63 -18.72 12.17 16.66
CA GLU C 63 -18.50 13.33 17.50
C GLU C 63 -17.69 14.38 16.73
N LEU C 64 -16.78 13.94 15.87
CA LEU C 64 -16.05 14.84 14.99
C LEU C 64 -16.99 15.61 14.04
N ILE C 65 -17.94 14.91 13.43
CA ILE C 65 -18.95 15.51 12.56
C ILE C 65 -19.84 16.50 13.33
N ASN C 66 -20.30 16.10 14.51
CA ASN C 66 -21.13 16.94 15.35
C ASN C 66 -20.48 18.28 15.74
N ILE C 67 -19.16 18.27 15.92
CA ILE C 67 -18.45 19.43 16.34
C ILE C 67 -18.29 20.32 15.12
N ILE C 68 -17.71 19.78 14.04
CA ILE C 68 -17.53 20.55 12.84
C ILE C 68 -18.86 21.12 12.38
N ASP C 69 -19.91 20.30 12.44
CA ASP C 69 -21.23 20.76 12.04
C ASP C 69 -21.69 21.93 12.88
N GLY C 70 -21.44 21.85 14.19
CA GLY C 70 -21.83 22.89 15.12
C GLY C 70 -21.10 24.18 14.79
N VAL C 71 -19.82 24.06 14.44
CA VAL C 71 -19.03 25.22 14.10
C VAL C 71 -19.55 25.90 12.82
N LEU C 72 -19.93 25.11 11.80
CA LEU C 72 -20.46 25.67 10.55
C LEU C 72 -21.82 26.33 10.76
N ARG C 73 -22.64 25.68 11.59
CA ARG C 73 -23.97 26.17 11.93
C ARG C 73 -23.91 27.48 12.74
N ASP C 74 -22.81 27.71 13.45
CA ASP C 74 -22.71 28.85 14.31
C ASP C 74 -22.00 30.01 13.60
N ASP C 75 -20.85 29.71 13.00
CA ASP C 75 -20.00 30.68 12.32
C ASP C 75 -20.25 31.02 10.86
N ASP C 76 -20.76 30.07 10.08
CA ASP C 76 -20.82 30.23 8.60
C ASP C 76 -22.16 30.78 8.14
N LYS C 77 -22.21 32.11 8.01
CA LYS C 77 -23.48 32.84 7.79
C LYS C 77 -24.00 32.81 6.38
N ASN C 78 -23.10 32.79 5.37
CA ASN C 78 -23.52 32.72 3.95
C ASN C 78 -23.66 31.28 3.42
N ASN C 79 -23.50 30.31 4.32
CA ASN C 79 -23.70 28.90 4.06
C ASN C 79 -22.90 28.38 2.87
N ASP C 80 -21.64 28.74 2.79
CA ASP C 80 -20.88 28.33 1.61
C ASP C 80 -19.88 27.23 1.97
N GLY C 81 -19.94 26.77 3.23
CA GLY C 81 -19.06 25.73 3.77
C GLY C 81 -17.71 26.26 4.22
N TYR C 82 -17.51 27.56 4.17
CA TYR C 82 -16.27 28.14 4.65
C TYR C 82 -16.53 29.12 5.80
N ILE C 83 -15.53 29.29 6.65
CA ILE C 83 -15.54 30.36 7.65
C ILE C 83 -14.43 31.33 7.28
N ASP C 84 -14.80 32.56 6.86
CA ASP C 84 -13.82 33.62 6.55
C ASP C 84 -13.41 34.33 7.82
N TYR C 85 -12.52 35.30 7.71
CA TYR C 85 -12.05 35.99 8.90
C TYR C 85 -13.20 36.70 9.66
N ALA C 86 -14.11 37.32 8.92
CA ALA C 86 -15.19 38.10 9.50
C ALA C 86 -16.10 37.20 10.29
N GLU C 87 -16.39 36.04 9.73
CA GLU C 87 -17.27 35.04 10.35
C GLU C 87 -16.63 34.43 11.57
N PHE C 88 -15.31 34.24 11.51
CA PHE C 88 -14.48 33.71 12.55
C PHE C 88 -14.39 34.67 13.74
N ALA C 89 -14.29 35.95 13.43
CA ALA C 89 -14.03 36.91 14.47
C ALA C 89 -15.31 37.45 15.11
N LYS C 90 -16.32 37.68 14.31
CA LYS C 90 -17.53 38.29 14.76
C LYS C 90 -17.15 39.79 14.66
N SER C 91 -16.38 40.27 15.64
CA SER C 91 -15.91 41.66 15.65
C SER C 91 -14.46 41.74 16.13
N GLU D 13 -2.89 -39.19 -24.60
CA GLU D 13 -2.83 -39.01 -23.13
C GLU D 13 -1.56 -39.64 -22.54
N MET D 14 -1.29 -39.32 -21.27
CA MET D 14 -0.04 -39.65 -20.60
C MET D 14 -0.11 -41.01 -19.95
N SER D 15 1.06 -41.64 -19.77
CA SER D 15 1.16 -42.89 -19.04
C SER D 15 1.04 -42.63 -17.54
N PRO D 16 0.87 -43.69 -16.72
CA PRO D 16 0.77 -43.43 -15.28
C PRO D 16 1.99 -42.71 -14.72
N GLN D 17 3.19 -43.12 -15.17
CA GLN D 17 4.46 -42.46 -14.80
C GLN D 17 4.55 -41.00 -15.28
N GLU D 18 4.26 -40.75 -16.54
CA GLU D 18 4.20 -39.39 -17.07
C GLU D 18 3.20 -38.52 -16.32
N LEU D 19 2.12 -39.12 -15.84
CA LEU D 19 1.09 -38.36 -15.13
C LEU D 19 1.58 -37.94 -13.75
N GLN D 20 2.29 -38.85 -13.07
CA GLN D 20 2.87 -38.59 -11.78
C GLN D 20 3.85 -37.43 -11.85
N LEU D 21 4.72 -37.41 -12.87
CA LEU D 21 5.77 -36.39 -12.93
C LEU D 21 5.13 -35.07 -13.23
N HIS D 22 4.08 -35.12 -14.05
CA HIS D 22 3.28 -33.95 -14.40
C HIS D 22 2.68 -33.26 -13.17
N TYR D 23 2.06 -34.04 -12.29
CA TYR D 23 1.42 -33.47 -11.11
C TYR D 23 2.44 -33.09 -10.02
N PHE D 24 3.60 -33.77 -10.04
CA PHE D 24 4.72 -33.38 -9.20
C PHE D 24 5.23 -31.96 -9.53
N LYS D 25 5.37 -31.65 -10.81
CA LYS D 25 5.97 -30.38 -11.24
C LYS D 25 4.94 -29.25 -11.37
N MET D 26 3.67 -29.60 -11.24
CA MET D 26 2.60 -28.65 -11.37
C MET D 26 2.76 -27.50 -10.38
N HIS D 27 3.19 -27.80 -9.15
CA HIS D 27 3.35 -26.74 -8.18
C HIS D 27 4.78 -26.49 -7.76
N ASP D 28 5.70 -26.90 -8.62
CA ASP D 28 7.13 -26.69 -8.43
C ASP D 28 7.47 -25.33 -9.05
N TYR D 29 6.97 -24.28 -8.41
CA TYR D 29 7.04 -22.93 -9.01
C TYR D 29 8.43 -22.40 -9.16
N ASP D 30 9.32 -22.80 -8.28
CA ASP D 30 10.72 -22.38 -8.36
C ASP D 30 11.61 -23.36 -9.14
N GLY D 31 10.98 -24.40 -9.71
CA GLY D 31 11.68 -25.29 -10.65
C GLY D 31 12.81 -26.14 -10.07
N ASN D 32 12.87 -26.27 -8.76
CA ASN D 32 13.97 -27.00 -8.15
C ASN D 32 13.66 -28.47 -7.91
N ASN D 33 12.63 -29.02 -8.58
CA ASN D 33 12.32 -30.46 -8.52
C ASN D 33 12.22 -30.93 -7.10
N LEU D 34 11.72 -30.05 -6.23
CA LEU D 34 11.45 -30.38 -4.83
C LEU D 34 10.22 -29.63 -4.42
N LEU D 35 9.38 -30.25 -3.59
CA LEU D 35 8.15 -29.56 -3.17
C LEU D 35 8.24 -29.09 -1.74
N ASP D 36 8.27 -27.79 -1.50
CA ASP D 36 8.24 -27.33 -0.11
C ASP D 36 6.78 -27.15 0.37
N GLY D 37 6.61 -26.92 1.66
CA GLY D 37 5.32 -26.57 2.26
C GLY D 37 4.55 -25.35 1.76
N LEU D 38 5.22 -24.35 1.17
CA LEU D 38 4.49 -23.19 0.66
C LEU D 38 3.90 -23.54 -0.69
N GLU D 39 4.65 -24.34 -1.45
CA GLU D 39 4.23 -24.80 -2.76
C GLU D 39 3.01 -25.72 -2.59
N LEU D 40 3.01 -26.50 -1.52
CA LEU D 40 1.84 -27.28 -1.15
C LEU D 40 0.65 -26.37 -0.82
N SER D 41 0.86 -25.31 -0.01
CA SER D 41 -0.22 -24.33 0.29
C SER D 41 -0.99 -23.94 -0.94
N THR D 42 -0.24 -23.62 -1.99
CA THR D 42 -0.82 -23.15 -3.21
C THR D 42 -1.64 -24.25 -3.81
N ALA D 43 -1.18 -25.48 -3.69
CA ALA D 43 -1.92 -26.65 -4.17
C ALA D 43 -3.23 -26.86 -3.41
N ILE D 44 -3.15 -26.72 -2.09
CA ILE D 44 -4.32 -26.81 -1.20
C ILE D 44 -5.29 -25.60 -1.32
N THR D 45 -4.85 -24.49 -1.90
CA THR D 45 -5.78 -23.36 -2.10
C THR D 45 -5.83 -22.85 -3.56
N HIS D 46 -4.81 -23.22 -4.32
CA HIS D 46 -4.76 -23.07 -5.79
C HIS D 46 -4.69 -21.64 -6.30
N ALA D 56 -18.08 -22.52 0.83
CA ALA D 56 -16.78 -22.44 1.46
C ALA D 56 -15.81 -21.49 0.74
N PRO D 57 -15.39 -20.43 1.44
CA PRO D 57 -14.25 -19.64 0.96
C PRO D 57 -12.91 -20.30 1.34
N LEU D 58 -12.12 -19.61 2.17
CA LEU D 58 -10.81 -20.06 2.59
C LEU D 58 -10.85 -20.84 3.91
N MET D 59 -10.10 -21.95 3.98
CA MET D 59 -9.95 -22.71 5.20
C MET D 59 -9.10 -21.98 6.24
N SER D 60 -9.36 -22.28 7.50
CA SER D 60 -8.62 -21.69 8.59
C SER D 60 -7.17 -22.11 8.56
N GLU D 61 -6.30 -21.24 9.05
CA GLU D 61 -4.87 -21.40 8.82
C GLU D 61 -4.37 -22.64 9.57
N ASP D 62 -5.07 -22.98 10.65
CA ASP D 62 -4.78 -24.15 11.46
C ASP D 62 -5.01 -25.47 10.70
N GLU D 63 -6.03 -25.49 9.86
CA GLU D 63 -6.36 -26.65 9.05
C GLU D 63 -5.32 -26.78 7.95
N LEU D 64 -4.94 -25.63 7.38
CA LEU D 64 -3.87 -25.61 6.38
C LEU D 64 -2.55 -26.16 6.91
N ILE D 65 -2.17 -25.76 8.13
CA ILE D 65 -0.93 -26.24 8.75
C ILE D 65 -1.01 -27.75 9.06
N ASN D 66 -2.14 -28.19 9.61
CA ASN D 66 -2.39 -29.62 9.83
C ASN D 66 -2.22 -30.51 8.57
N ILE D 67 -2.67 -30.04 7.43
CA ILE D 67 -2.62 -30.82 6.22
C ILE D 67 -1.17 -30.83 5.69
N ILE D 68 -0.58 -29.65 5.51
CA ILE D 68 0.83 -29.57 5.07
C ILE D 68 1.75 -30.35 5.99
N ASP D 69 1.51 -30.26 7.30
CA ASP D 69 2.30 -31.03 8.23
C ASP D 69 2.10 -32.52 7.98
N GLY D 70 0.84 -32.93 7.85
CA GLY D 70 0.48 -34.33 7.61
C GLY D 70 1.21 -34.88 6.39
N VAL D 71 1.25 -34.09 5.32
CA VAL D 71 1.98 -34.47 4.11
C VAL D 71 3.51 -34.59 4.39
N LEU D 72 4.08 -33.66 5.15
CA LEU D 72 5.50 -33.71 5.46
C LEU D 72 5.84 -34.93 6.32
N ARG D 73 5.01 -35.17 7.32
CA ARG D 73 5.16 -36.33 8.20
C ARG D 73 4.99 -37.69 7.46
N ASP D 74 4.19 -37.71 6.40
CA ASP D 74 4.02 -38.93 5.60
C ASP D 74 5.05 -39.10 4.48
N ASP D 75 5.30 -38.03 3.74
CA ASP D 75 6.16 -38.11 2.54
C ASP D 75 7.64 -37.83 2.73
N ASP D 76 8.01 -36.98 3.68
CA ASP D 76 9.39 -36.46 3.73
C ASP D 76 10.28 -37.28 4.67
N LYS D 77 10.98 -38.23 4.08
CA LYS D 77 11.70 -39.24 4.83
C LYS D 77 13.01 -38.76 5.43
N ASN D 78 13.73 -37.87 4.72
CA ASN D 78 15.02 -37.34 5.23
C ASN D 78 14.87 -36.06 6.09
N ASN D 79 13.63 -35.64 6.27
CA ASN D 79 13.29 -34.57 7.16
C ASN D 79 13.94 -33.24 6.75
N ASP D 80 13.98 -32.96 5.46
CA ASP D 80 14.69 -31.76 5.08
C ASP D 80 13.73 -30.62 4.79
N GLY D 81 12.44 -30.90 4.94
CA GLY D 81 11.38 -29.93 4.67
C GLY D 81 11.01 -29.87 3.21
N TYR D 82 11.59 -30.76 2.39
CA TYR D 82 11.16 -30.93 0.99
C TYR D 82 10.67 -32.34 0.69
N ILE D 83 9.83 -32.44 -0.34
CA ILE D 83 9.44 -33.71 -0.91
C ILE D 83 9.97 -33.76 -2.33
N ASP D 84 10.95 -34.64 -2.58
CA ASP D 84 11.49 -34.89 -3.93
C ASP D 84 10.59 -35.88 -4.69
N TYR D 85 10.95 -36.22 -5.92
CA TYR D 85 10.12 -37.08 -6.72
C TYR D 85 9.96 -38.49 -6.13
N ALA D 86 11.06 -39.04 -5.59
CA ALA D 86 11.08 -40.39 -5.06
C ALA D 86 10.13 -40.49 -3.86
N GLU D 87 10.16 -39.45 -3.02
CA GLU D 87 9.32 -39.40 -1.83
C GLU D 87 7.87 -39.15 -2.17
N PHE D 88 7.67 -38.35 -3.22
CA PHE D 88 6.36 -38.08 -3.79
C PHE D 88 5.71 -39.35 -4.35
N ALA D 89 6.50 -40.12 -5.13
CA ALA D 89 6.02 -41.27 -5.89
C ALA D 89 5.84 -42.56 -5.06
N LYS D 90 6.79 -42.86 -4.17
CA LYS D 90 6.86 -44.14 -3.41
C LYS D 90 7.58 -45.22 -4.19
#